data_6FMR
#
_entry.id   6FMR
#
_cell.length_a   103.680
_cell.length_b   110.890
_cell.length_c   110.380
_cell.angle_alpha   90.00
_cell.angle_beta   90.00
_cell.angle_gamma   90.00
#
_symmetry.space_group_name_H-M   'C 2 2 21'
#
loop_
_entity.id
_entity.type
_entity.pdbx_description
1 polymer 'Di-or tripeptide:H+ symporter'
2 non-polymer (2S)-2,3-DIHYDROXYPROPYL(7Z)-PENTADEC-7-ENOATE
3 non-polymer 'PHOSPHATE ION'
4 water water
#
_entity_poly.entity_id   1
_entity_poly.type   'polypeptide(L)'
_entity_poly.pdbx_seq_one_letter_code
;(MSE)EDKGKTFFGQPLGLSTLF(MSE)TE(MSE)WERFSYYG(MSE)RAILLYY(MSE)WFLISTGDLHITRATAASI
(MSE)AIYAS(MSE)VYLSGTIGGFVADRIIGARPAVFWGGVLI(MSE)LGHIVLALPFGASALFGSIILIIIGTGFLKP
NVSTLVGTLYDEHDRRRDAGFSIFVFGINLGAFIAPLIVGAAQEAAGYHVAFSLAAIG(MSE)FIGLLVYYFGGKKTLDP
HYLRPTDPLAPEEVKPLLVKVSLAVAGFIAIIVV(MSE)NLVGWNSLPAYINLLTIVAIAIPVFYFAW(MSE)ISSVKVT
STEHLRVVSYIPLFIAAVLFWAIEEQGSVVLATFAAERVDSSWFPVSWFQSLNPLFI(MSE)LYTPFFAWLWTAWKKNQP
SSPTKFAVGL(MSE)FAGLSFLL(MSE)AIPGALYGTSGKVSPLWLVGSWALVILGE(MSE)LISPVGLSVTTKLAPKAF
NSQ(MSE)(MSE)S(MSE)WFLSSSVGSALNAQLVTLYNAKSEVAYFSYFGLGSVVLGIVLVFLSKRIQGL(MSE)QGVE
;
_entity_poly.pdbx_strand_id   A
#
loop_
_chem_comp.id
_chem_comp.type
_chem_comp.name
_chem_comp.formula
78M non-polymer (2S)-2,3-DIHYDROXYPROPYL(7Z)-PENTADEC-7-ENOATE 'C18 H34 O4'
PO4 non-polymer 'PHOSPHATE ION' 'O4 P -3'
#
# COMPACT_ATOMS: atom_id res chain seq x y z
N GLY A 5 -11.43 29.97 17.80
CA GLY A 5 -12.65 29.20 18.01
C GLY A 5 -12.39 27.72 18.18
N LYS A 6 -13.47 26.94 18.26
CA LYS A 6 -13.33 25.50 18.41
C LYS A 6 -12.80 24.88 17.13
N THR A 7 -11.82 23.98 17.27
CA THR A 7 -11.16 23.35 16.14
C THR A 7 -11.03 21.87 16.41
N PHE A 8 -10.38 21.17 15.47
CA PHE A 8 -10.02 19.76 15.63
C PHE A 8 -8.50 19.73 15.76
N PHE A 9 -8.03 19.92 17.00
CA PHE A 9 -6.60 19.99 17.32
C PHE A 9 -5.91 21.16 16.62
N GLY A 10 -6.66 22.24 16.38
CA GLY A 10 -6.11 23.44 15.78
C GLY A 10 -6.48 23.65 14.33
N GLN A 11 -7.09 22.65 13.69
CA GLN A 11 -7.45 22.70 12.28
C GLN A 11 -8.96 22.81 12.11
N PRO A 12 -9.44 23.21 10.92
CA PRO A 12 -10.88 23.36 10.73
C PRO A 12 -11.64 22.08 11.08
N LEU A 13 -12.89 22.25 11.54
CA LEU A 13 -13.70 21.13 11.99
C LEU A 13 -14.04 20.17 10.86
N GLY A 14 -13.91 20.59 9.61
CA GLY A 14 -14.13 19.68 8.50
C GLY A 14 -13.14 18.54 8.43
N LEU A 15 -11.98 18.69 9.09
CA LEU A 15 -11.00 17.63 9.11
C LEU A 15 -11.50 16.42 9.89
N SER A 16 -12.34 16.64 10.90
CA SER A 16 -12.85 15.52 11.70
C SER A 16 -13.69 14.57 10.86
N THR A 17 -14.41 15.09 9.86
CA THR A 17 -15.18 14.23 8.99
C THR A 17 -14.26 13.34 8.14
N LEU A 18 -13.26 13.93 7.51
CA LEU A 18 -12.30 13.15 6.72
C LEU A 18 -11.39 12.32 7.61
N PHE A 19 -11.19 12.75 8.86
CA PHE A 19 -10.50 11.91 9.84
C PHE A 19 -11.26 10.61 10.07
N MSE A 20 -12.55 10.71 10.37
CA MSE A 20 -13.41 9.55 10.61
C MSE A 20 -13.58 8.70 9.36
O MSE A 20 -13.60 7.47 9.43
CB MSE A 20 -14.77 10.01 11.12
CG MSE A 20 -14.75 10.62 12.51
SE MSE A 20 -14.73 9.27 13.90
CE MSE A 20 -16.48 8.50 13.60
N THR A 21 -13.72 9.37 8.21
CA THR A 21 -13.98 8.66 6.96
C THR A 21 -12.83 7.72 6.61
N GLU A 22 -11.60 8.20 6.71
CA GLU A 22 -10.45 7.39 6.34
C GLU A 22 -10.05 6.42 7.45
N MSE A 23 -10.33 6.75 8.70
CA MSE A 23 -10.07 5.83 9.80
C MSE A 23 -10.90 4.57 9.67
O MSE A 23 -10.41 3.47 9.90
CB MSE A 23 -10.36 6.51 11.15
CG MSE A 23 -10.29 5.55 12.33
SE MSE A 23 -10.97 6.30 14.00
CE MSE A 23 -10.95 4.69 15.08
N TRP A 24 -12.17 4.73 9.30
CA TRP A 24 -13.05 3.58 9.18
C TRP A 24 -12.82 2.81 7.88
N GLU A 25 -12.32 3.48 6.84
CA GLU A 25 -11.98 2.75 5.62
C GLU A 25 -10.72 1.93 5.82
N ARG A 26 -9.71 2.50 6.48
CA ARG A 26 -8.53 1.72 6.85
C ARG A 26 -8.88 0.62 7.85
N PHE A 27 -9.93 0.82 8.64
CA PHE A 27 -10.41 -0.24 9.51
C PHE A 27 -10.96 -1.41 8.71
N SER A 28 -11.75 -1.13 7.68
CA SER A 28 -12.33 -2.20 6.87
C SER A 28 -11.26 -2.91 6.05
N TYR A 29 -10.32 -2.16 5.48
CA TYR A 29 -9.30 -2.77 4.62
C TYR A 29 -8.35 -3.63 5.42
N TYR A 30 -7.75 -3.08 6.48
CA TYR A 30 -6.76 -3.82 7.24
C TYR A 30 -7.39 -4.86 8.18
N GLY A 31 -8.65 -4.68 8.57
CA GLY A 31 -9.34 -5.74 9.28
C GLY A 31 -9.53 -6.98 8.42
N MSE A 32 -9.69 -6.78 7.12
CA MSE A 32 -9.81 -7.88 6.18
C MSE A 32 -8.45 -8.50 5.88
O MSE A 32 -8.32 -9.73 5.80
CB MSE A 32 -10.47 -7.40 4.89
CG MSE A 32 -10.42 -8.38 3.72
SE MSE A 32 -8.90 -8.08 2.54
CE MSE A 32 -9.28 -6.24 2.01
N ARG A 33 -7.43 -7.66 5.72
CA ARG A 33 -6.09 -8.15 5.43
C ARG A 33 -5.55 -9.03 6.54
N ALA A 34 -6.01 -8.82 7.77
CA ALA A 34 -5.47 -9.58 8.89
C ALA A 34 -5.98 -11.02 8.94
N ILE A 35 -7.07 -11.32 8.24
CA ILE A 35 -7.68 -12.64 8.33
C ILE A 35 -7.92 -13.25 6.95
N LEU A 36 -7.66 -12.49 5.90
CA LEU A 36 -7.95 -12.99 4.54
C LEU A 36 -7.05 -14.16 4.18
N LEU A 37 -5.76 -14.08 4.53
CA LEU A 37 -4.86 -15.19 4.24
C LEU A 37 -5.24 -16.44 5.02
N TYR A 38 -5.52 -16.27 6.32
CA TYR A 38 -5.98 -17.39 7.13
C TYR A 38 -7.32 -17.93 6.65
N TYR A 39 -8.16 -17.05 6.11
CA TYR A 39 -9.43 -17.52 5.55
C TYR A 39 -9.19 -18.40 4.33
N MSE A 40 -8.18 -18.08 3.53
CA MSE A 40 -7.85 -18.90 2.37
C MSE A 40 -7.23 -20.23 2.80
O MSE A 40 -7.49 -21.26 2.19
CB MSE A 40 -6.91 -18.14 1.43
CG MSE A 40 -7.64 -17.20 0.49
SE MSE A 40 -6.49 -16.18 -0.71
CE MSE A 40 -7.83 -15.57 -1.98
N TRP A 41 -6.42 -20.20 3.86
CA TRP A 41 -5.94 -21.45 4.45
C TRP A 41 -7.09 -22.35 4.86
N PHE A 42 -8.13 -21.75 5.46
CA PHE A 42 -9.30 -22.52 5.88
C PHE A 42 -10.04 -23.11 4.69
N LEU A 43 -10.25 -22.30 3.63
CA LEU A 43 -10.93 -22.81 2.46
C LEU A 43 -10.11 -23.89 1.77
N ILE A 44 -8.78 -23.81 1.85
CA ILE A 44 -7.93 -24.84 1.27
C ILE A 44 -8.04 -26.14 2.05
N SER A 45 -8.08 -26.05 3.38
CA SER A 45 -8.13 -27.24 4.23
C SER A 45 -9.43 -28.00 4.07
N THR A 46 -10.50 -27.35 3.61
CA THR A 46 -11.79 -28.00 3.42
C THR A 46 -12.01 -28.40 1.96
N GLY A 47 -11.00 -28.29 1.11
CA GLY A 47 -11.15 -28.67 -0.28
C GLY A 47 -11.99 -27.73 -1.11
N ASP A 48 -12.46 -26.63 -0.53
CA ASP A 48 -13.29 -25.68 -1.29
C ASP A 48 -12.46 -24.81 -2.21
N LEU A 49 -11.23 -24.48 -1.82
CA LEU A 49 -10.32 -23.69 -2.64
C LEU A 49 -9.17 -24.59 -3.09
N HIS A 50 -9.04 -24.76 -4.40
CA HIS A 50 -8.08 -25.72 -4.96
C HIS A 50 -6.81 -25.00 -5.43
N ILE A 51 -6.10 -24.42 -4.46
CA ILE A 51 -4.80 -23.81 -4.68
C ILE A 51 -3.88 -24.21 -3.53
N THR A 52 -2.60 -23.92 -3.70
CA THR A 52 -1.62 -24.14 -2.64
C THR A 52 -1.53 -22.89 -1.76
N ARG A 53 -0.88 -23.06 -0.60
CA ARG A 53 -0.66 -21.91 0.28
C ARG A 53 0.31 -20.91 -0.34
N ALA A 54 1.27 -21.40 -1.15
CA ALA A 54 2.16 -20.48 -1.85
C ALA A 54 1.40 -19.64 -2.85
N THR A 55 0.40 -20.21 -3.51
CA THR A 55 -0.44 -19.42 -4.40
C THR A 55 -1.32 -18.46 -3.63
N ALA A 56 -1.86 -18.90 -2.48
CA ALA A 56 -2.66 -18.01 -1.65
C ALA A 56 -1.84 -16.84 -1.15
N ALA A 57 -0.56 -17.07 -0.83
CA ALA A 57 0.32 -15.97 -0.46
C ALA A 57 0.56 -15.04 -1.64
N SER A 58 0.63 -15.59 -2.85
CA SER A 58 0.80 -14.75 -4.03
C SER A 58 -0.44 -13.89 -4.28
N ILE A 59 -1.62 -14.44 -4.01
CA ILE A 59 -2.86 -13.68 -4.20
C ILE A 59 -2.85 -12.45 -3.30
N MSE A 60 -2.46 -12.62 -2.04
CA MSE A 60 -2.39 -11.51 -1.10
C MSE A 60 -1.46 -10.40 -1.58
O MSE A 60 -1.77 -9.22 -1.46
CB MSE A 60 -1.91 -12.01 0.27
CG MSE A 60 -2.90 -12.93 0.98
SE MSE A 60 -4.45 -11.98 1.67
CE MSE A 60 -3.55 -10.87 3.01
N ALA A 61 -0.33 -10.79 -2.16
CA ALA A 61 0.64 -9.81 -2.63
C ALA A 61 0.14 -9.09 -3.87
N ILE A 62 -0.35 -9.83 -4.87
CA ILE A 62 -0.85 -9.21 -6.08
C ILE A 62 -2.15 -8.46 -5.82
N TYR A 63 -2.90 -8.85 -4.78
CA TYR A 63 -4.06 -8.09 -4.36
C TYR A 63 -3.67 -6.67 -3.97
N ALA A 64 -2.71 -6.55 -3.05
CA ALA A 64 -2.24 -5.23 -2.63
C ALA A 64 -1.64 -4.45 -3.79
N SER A 65 -0.96 -5.14 -4.71
CA SER A 65 -0.32 -4.46 -5.83
C SER A 65 -1.34 -3.75 -6.70
N MSE A 66 -2.47 -4.39 -6.96
CA MSE A 66 -3.50 -3.79 -7.81
C MSE A 66 -4.23 -2.66 -7.09
O MSE A 66 -4.74 -1.74 -7.73
CB MSE A 66 -4.49 -4.86 -8.27
CG MSE A 66 -3.87 -5.98 -9.09
SE MSE A 66 -3.02 -5.34 -10.73
CE MSE A 66 -4.61 -4.72 -11.67
N VAL A 67 -4.27 -2.73 -5.77
CA VAL A 67 -4.92 -1.67 -4.99
C VAL A 67 -4.14 -0.37 -5.10
N TYR A 68 -2.81 -0.44 -4.97
CA TYR A 68 -1.99 0.76 -5.15
C TYR A 68 -2.01 1.23 -6.59
N LEU A 69 -2.01 0.30 -7.54
CA LEU A 69 -2.11 0.67 -8.95
C LEU A 69 -3.44 1.34 -9.24
N SER A 70 -4.51 0.87 -8.60
CA SER A 70 -5.82 1.52 -8.76
C SER A 70 -5.83 2.89 -8.12
N GLY A 71 -5.01 3.11 -7.09
CA GLY A 71 -4.92 4.41 -6.45
C GLY A 71 -4.25 5.48 -7.28
N THR A 72 -3.60 5.11 -8.38
CA THR A 72 -2.99 6.09 -9.28
C THR A 72 -3.96 6.55 -10.37
N ILE A 73 -5.13 5.95 -10.46
CA ILE A 73 -6.11 6.31 -11.48
C ILE A 73 -7.33 7.03 -10.90
N GLY A 74 -7.69 6.74 -9.65
CA GLY A 74 -8.89 7.35 -9.08
C GLY A 74 -8.79 8.86 -8.97
N GLY A 75 -7.58 9.40 -8.84
CA GLY A 75 -7.43 10.85 -8.85
C GLY A 75 -7.80 11.46 -10.18
N PHE A 76 -7.42 10.81 -11.28
CA PHE A 76 -7.79 11.30 -12.60
C PHE A 76 -9.28 11.18 -12.84
N VAL A 77 -9.90 10.11 -12.34
CA VAL A 77 -11.32 9.90 -12.54
C VAL A 77 -12.14 10.98 -11.84
N ALA A 78 -11.74 11.34 -10.62
CA ALA A 78 -12.50 12.34 -9.86
C ALA A 78 -12.26 13.74 -10.41
N ASP A 79 -11.00 14.11 -10.62
CA ASP A 79 -10.70 15.48 -11.06
C ASP A 79 -11.13 15.77 -12.49
N ARG A 80 -11.65 14.79 -13.23
CA ARG A 80 -11.95 15.01 -14.63
C ARG A 80 -13.35 14.54 -15.02
N ILE A 81 -13.92 13.57 -14.30
CA ILE A 81 -15.15 12.94 -14.76
C ILE A 81 -16.27 13.03 -13.72
N ILE A 82 -16.05 12.52 -12.52
CA ILE A 82 -17.13 12.37 -11.55
C ILE A 82 -17.04 13.34 -10.37
N GLY A 83 -15.86 13.85 -10.05
CA GLY A 83 -15.76 14.72 -8.89
C GLY A 83 -15.17 14.01 -7.69
N ALA A 84 -14.47 14.77 -6.85
CA ALA A 84 -13.76 14.18 -5.73
C ALA A 84 -14.71 13.64 -4.68
N ARG A 85 -15.78 14.38 -4.37
CA ARG A 85 -16.69 13.95 -3.31
C ARG A 85 -17.55 12.77 -3.74
N PRO A 86 -18.10 12.73 -4.97
CA PRO A 86 -18.78 11.50 -5.40
C PRO A 86 -17.85 10.30 -5.52
N ALA A 87 -16.56 10.51 -5.74
CA ALA A 87 -15.63 9.39 -5.83
C ALA A 87 -15.37 8.77 -4.47
N VAL A 88 -15.38 9.57 -3.41
CA VAL A 88 -15.20 9.02 -2.06
C VAL A 88 -16.43 8.22 -1.65
N PHE A 89 -17.62 8.73 -1.97
CA PHE A 89 -18.85 8.05 -1.59
C PHE A 89 -19.00 6.72 -2.33
N TRP A 90 -19.03 6.77 -3.66
CA TRP A 90 -19.21 5.54 -4.44
C TRP A 90 -18.02 4.61 -4.33
N GLY A 91 -16.82 5.16 -4.07
CA GLY A 91 -15.70 4.31 -3.74
C GLY A 91 -15.92 3.57 -2.43
N GLY A 92 -16.56 4.22 -1.46
CA GLY A 92 -16.86 3.57 -0.21
C GLY A 92 -17.97 2.54 -0.31
N VAL A 93 -18.92 2.77 -1.21
CA VAL A 93 -19.97 1.77 -1.44
C VAL A 93 -19.38 0.49 -2.02
N LEU A 94 -18.46 0.63 -2.97
CA LEU A 94 -17.82 -0.54 -3.55
C LEU A 94 -16.97 -1.29 -2.53
N ILE A 95 -16.35 -0.58 -1.59
CA ILE A 95 -15.58 -1.24 -0.55
C ILE A 95 -16.52 -1.99 0.39
N MSE A 96 -17.63 -1.38 0.76
CA MSE A 96 -18.63 -2.03 1.61
C MSE A 96 -19.19 -3.26 0.92
O MSE A 96 -19.34 -4.32 1.54
CB MSE A 96 -19.76 -1.06 1.97
CG MSE A 96 -20.71 -1.59 3.02
SE MSE A 96 -22.40 -0.61 3.08
CE MSE A 96 -21.71 1.19 3.21
N LEU A 97 -19.50 -3.13 -0.37
CA LEU A 97 -20.02 -4.26 -1.13
C LEU A 97 -18.99 -5.39 -1.20
N GLY A 98 -17.71 -5.03 -1.31
CA GLY A 98 -16.68 -6.07 -1.37
C GLY A 98 -16.62 -6.90 -0.10
N HIS A 99 -16.75 -6.25 1.06
CA HIS A 99 -16.74 -7.00 2.32
C HIS A 99 -18.04 -7.74 2.56
N ILE A 100 -19.17 -7.21 2.07
CA ILE A 100 -20.45 -7.91 2.20
C ILE A 100 -20.40 -9.22 1.43
N VAL A 101 -19.74 -9.24 0.27
CA VAL A 101 -19.65 -10.45 -0.54
C VAL A 101 -19.00 -11.58 0.26
N LEU A 102 -17.98 -11.26 1.05
CA LEU A 102 -17.34 -12.29 1.87
C LEU A 102 -18.21 -12.68 3.08
N ALA A 103 -19.07 -11.77 3.55
CA ALA A 103 -19.93 -12.09 4.67
C ALA A 103 -21.06 -13.03 4.29
N LEU A 104 -21.38 -13.11 3.00
CA LEU A 104 -22.43 -14.00 2.53
C LEU A 104 -22.00 -15.46 2.69
N PRO A 105 -22.96 -16.39 2.81
CA PRO A 105 -22.60 -17.80 3.02
C PRO A 105 -22.03 -18.47 1.78
N PHE A 106 -20.99 -17.87 1.20
CA PHE A 106 -20.30 -18.41 0.03
C PHE A 106 -18.90 -18.86 0.44
N GLY A 107 -18.14 -19.34 -0.54
CA GLY A 107 -16.80 -19.82 -0.28
C GLY A 107 -15.75 -19.21 -1.18
N ALA A 108 -15.15 -20.02 -2.04
CA ALA A 108 -14.11 -19.55 -2.95
C ALA A 108 -14.66 -18.78 -4.13
N SER A 109 -15.91 -19.03 -4.53
CA SER A 109 -16.48 -18.35 -5.68
C SER A 109 -16.68 -16.87 -5.44
N ALA A 110 -16.69 -16.44 -4.18
CA ALA A 110 -16.88 -15.04 -3.83
C ALA A 110 -15.57 -14.28 -3.66
N LEU A 111 -14.42 -14.96 -3.79
CA LEU A 111 -13.14 -14.31 -3.55
C LEU A 111 -12.81 -13.31 -4.66
N PHE A 112 -12.98 -13.72 -5.93
CA PHE A 112 -12.62 -12.84 -7.03
C PHE A 112 -13.57 -11.66 -7.14
N GLY A 113 -14.85 -11.88 -6.90
CA GLY A 113 -15.80 -10.76 -6.94
C GLY A 113 -15.55 -9.75 -5.83
N SER A 114 -15.19 -10.24 -4.64
CA SER A 114 -14.89 -9.34 -3.53
C SER A 114 -13.61 -8.55 -3.78
N ILE A 115 -12.60 -9.19 -4.37
CA ILE A 115 -11.32 -8.53 -4.59
C ILE A 115 -11.46 -7.42 -5.61
N ILE A 116 -12.24 -7.65 -6.67
CA ILE A 116 -12.41 -6.63 -7.70
C ILE A 116 -13.13 -5.41 -7.15
N LEU A 117 -14.15 -5.62 -6.32
CA LEU A 117 -14.91 -4.50 -5.76
C LEU A 117 -14.03 -3.61 -4.89
N ILE A 118 -13.17 -4.21 -4.07
CA ILE A 118 -12.31 -3.43 -3.19
C ILE A 118 -11.18 -2.75 -3.97
N ILE A 119 -10.68 -3.42 -5.01
CA ILE A 119 -9.63 -2.80 -5.84
C ILE A 119 -10.16 -1.53 -6.50
N ILE A 120 -11.34 -1.62 -7.11
CA ILE A 120 -11.93 -0.46 -7.76
C ILE A 120 -12.38 0.56 -6.72
N GLY A 121 -12.94 0.10 -5.61
CA GLY A 121 -13.44 1.02 -4.60
C GLY A 121 -12.35 1.80 -3.90
N THR A 122 -11.25 1.13 -3.55
CA THR A 122 -10.15 1.81 -2.88
C THR A 122 -9.48 2.83 -3.79
N GLY A 123 -9.39 2.53 -5.09
CA GLY A 123 -8.82 3.49 -6.01
C GLY A 123 -9.62 4.78 -6.10
N PHE A 124 -10.93 4.70 -5.92
CA PHE A 124 -11.76 5.90 -5.94
C PHE A 124 -11.68 6.68 -4.64
N LEU A 125 -11.49 6.00 -3.51
CA LEU A 125 -11.61 6.64 -2.21
C LEU A 125 -10.28 7.21 -1.73
N LYS A 126 -9.26 6.35 -1.56
CA LYS A 126 -8.01 6.76 -0.92
C LYS A 126 -7.37 8.00 -1.53
N PRO A 127 -7.22 8.13 -2.87
CA PRO A 127 -6.58 9.36 -3.39
C PRO A 127 -7.43 10.60 -3.19
N ASN A 128 -8.75 10.48 -3.22
CA ASN A 128 -9.63 11.63 -3.19
C ASN A 128 -10.03 12.05 -1.78
N VAL A 129 -9.77 11.23 -0.77
CA VAL A 129 -9.93 11.69 0.61
C VAL A 129 -8.77 12.59 0.98
N SER A 130 -7.54 12.20 0.60
CA SER A 130 -6.39 13.07 0.81
C SER A 130 -6.54 14.37 0.03
N THR A 131 -7.13 14.30 -1.17
CA THR A 131 -7.38 15.50 -1.96
C THR A 131 -8.36 16.43 -1.24
N LEU A 132 -9.42 15.88 -0.67
CA LEU A 132 -10.39 16.68 0.05
C LEU A 132 -9.81 17.27 1.33
N VAL A 133 -8.78 16.66 1.90
CA VAL A 133 -8.12 17.24 3.07
C VAL A 133 -7.45 18.55 2.71
N GLY A 134 -6.76 18.58 1.56
CA GLY A 134 -6.12 19.81 1.13
C GLY A 134 -7.09 20.94 0.84
N THR A 135 -8.28 20.60 0.34
CA THR A 135 -9.29 21.61 0.04
C THR A 135 -9.84 22.30 1.29
N LEU A 136 -9.51 21.79 2.48
CA LEU A 136 -9.92 22.45 3.71
C LEU A 136 -9.07 23.66 4.06
N TYR A 137 -7.88 23.77 3.46
CA TYR A 137 -6.95 24.85 3.75
C TYR A 137 -6.76 25.69 2.48
N ASP A 138 -7.24 26.93 2.53
CA ASP A 138 -6.87 27.89 1.51
C ASP A 138 -5.36 28.10 1.54
N GLU A 139 -4.79 28.40 0.37
CA GLU A 139 -3.34 28.52 0.26
C GLU A 139 -2.81 29.59 1.21
N HIS A 140 -1.58 29.40 1.68
CA HIS A 140 -0.81 30.16 2.67
C HIS A 140 -1.12 29.69 4.09
N ASP A 141 -2.03 28.73 4.27
CA ASP A 141 -2.35 28.22 5.60
C ASP A 141 -1.26 27.23 6.01
N ARG A 142 -0.46 27.61 7.01
CA ARG A 142 0.64 26.77 7.47
C ARG A 142 0.18 25.63 8.37
N ARG A 143 -1.11 25.58 8.72
CA ARG A 143 -1.65 24.43 9.43
C ARG A 143 -1.82 23.21 8.53
N ARG A 144 -1.46 23.32 7.26
CA ARG A 144 -1.69 22.24 6.31
C ARG A 144 -0.90 21.00 6.68
N ASP A 145 0.39 21.16 6.98
CA ASP A 145 1.23 20.02 7.32
C ASP A 145 0.77 19.36 8.62
N ALA A 146 0.35 20.17 9.60
CA ALA A 146 -0.16 19.60 10.84
C ALA A 146 -1.49 18.90 10.64
N GLY A 147 -2.32 19.41 9.73
CA GLY A 147 -3.60 18.77 9.47
C GLY A 147 -3.45 17.42 8.79
N PHE A 148 -2.54 17.33 7.82
CA PHE A 148 -2.26 16.03 7.19
C PHE A 148 -1.61 15.07 8.17
N SER A 149 -0.82 15.58 9.11
CA SER A 149 -0.23 14.72 10.13
C SER A 149 -1.29 14.15 11.06
N ILE A 150 -2.38 14.91 11.29
CA ILE A 150 -3.49 14.37 12.06
C ILE A 150 -4.35 13.45 11.21
N PHE A 151 -4.44 13.72 9.90
CA PHE A 151 -5.19 12.85 9.01
C PHE A 151 -4.56 11.46 8.95
N VAL A 152 -3.24 11.39 8.80
CA VAL A 152 -2.56 10.10 8.77
C VAL A 152 -2.60 9.43 10.14
N PHE A 153 -2.82 10.19 11.21
CA PHE A 153 -2.96 9.58 12.53
C PHE A 153 -4.22 8.72 12.61
N GLY A 154 -5.33 9.21 12.05
CA GLY A 154 -6.52 8.39 11.98
C GLY A 154 -6.38 7.22 11.04
N ILE A 155 -5.52 7.35 10.03
CA ILE A 155 -5.22 6.23 9.14
C ILE A 155 -4.61 5.09 9.93
N ASN A 156 -3.56 5.39 10.70
CA ASN A 156 -2.91 4.37 11.52
C ASN A 156 -3.82 3.90 12.65
N LEU A 157 -4.68 4.78 13.17
CA LEU A 157 -5.59 4.39 14.24
C LEU A 157 -6.57 3.32 13.78
N GLY A 158 -7.12 3.47 12.57
CA GLY A 158 -8.01 2.45 12.05
C GLY A 158 -7.31 1.16 11.69
N ALA A 159 -6.06 1.25 11.23
CA ALA A 159 -5.26 0.08 10.93
C ALA A 159 -4.79 -0.66 12.17
N PHE A 160 -4.85 -0.01 13.34
CA PHE A 160 -4.38 -0.61 14.59
C PHE A 160 -5.48 -1.40 15.29
N ILE A 161 -6.67 -0.80 15.44
CA ILE A 161 -7.76 -1.48 16.12
C ILE A 161 -8.48 -2.51 15.26
N ALA A 162 -8.25 -2.49 13.94
CA ALA A 162 -8.95 -3.43 13.07
C ALA A 162 -8.50 -4.87 13.27
N PRO A 163 -7.20 -5.20 13.24
CA PRO A 163 -6.84 -6.61 13.49
C PRO A 163 -7.21 -7.09 14.88
N LEU A 164 -7.24 -6.18 15.86
CA LEU A 164 -7.64 -6.58 17.21
C LEU A 164 -9.12 -6.92 17.27
N ILE A 165 -9.96 -6.06 16.68
CA ILE A 165 -11.41 -6.24 16.77
C ILE A 165 -11.89 -7.30 15.78
N VAL A 166 -11.49 -7.17 14.52
CA VAL A 166 -11.93 -8.14 13.51
C VAL A 166 -11.34 -9.51 13.79
N GLY A 167 -10.08 -9.56 14.23
CA GLY A 167 -9.47 -10.84 14.55
C GLY A 167 -10.15 -11.53 15.72
N ALA A 168 -10.60 -10.76 16.71
CA ALA A 168 -11.30 -11.35 17.84
C ALA A 168 -12.69 -11.83 17.44
N ALA A 169 -13.35 -11.11 16.54
CA ALA A 169 -14.66 -11.53 16.06
C ALA A 169 -14.59 -12.83 15.27
N GLN A 170 -13.47 -13.06 14.57
CA GLN A 170 -13.32 -14.32 13.84
C GLN A 170 -13.17 -15.49 14.78
N GLU A 171 -12.43 -15.30 15.89
CA GLU A 171 -12.25 -16.38 16.85
C GLU A 171 -13.55 -16.68 17.60
N ALA A 172 -14.43 -15.69 17.76
CA ALA A 172 -15.65 -15.87 18.52
C ALA A 172 -16.81 -16.35 17.65
N ALA A 173 -17.00 -15.75 16.48
CA ALA A 173 -18.18 -16.01 15.66
C ALA A 173 -17.86 -16.43 14.22
N GLY A 174 -16.60 -16.71 13.92
CA GLY A 174 -16.27 -17.23 12.60
C GLY A 174 -15.89 -16.15 11.61
N TYR A 175 -15.59 -16.60 10.39
CA TYR A 175 -15.08 -15.68 9.36
C TYR A 175 -16.18 -14.79 8.80
N HIS A 176 -17.37 -15.36 8.54
CA HIS A 176 -18.43 -14.59 7.89
C HIS A 176 -18.91 -13.44 8.76
N VAL A 177 -18.92 -13.63 10.08
CA VAL A 177 -19.23 -12.52 10.97
C VAL A 177 -18.08 -11.52 10.99
N ALA A 178 -16.84 -12.02 11.00
CA ALA A 178 -15.68 -11.13 11.01
C ALA A 178 -15.63 -10.27 9.75
N PHE A 179 -15.97 -10.86 8.59
CA PHE A 179 -15.99 -10.07 7.36
C PHE A 179 -17.16 -9.08 7.35
N SER A 180 -18.26 -9.42 8.00
CA SER A 180 -19.37 -8.47 8.10
C SER A 180 -19.00 -7.28 8.97
N LEU A 181 -18.13 -7.47 9.97
CA LEU A 181 -17.66 -6.35 10.76
C LEU A 181 -16.85 -5.37 9.93
N ALA A 182 -16.09 -5.87 8.95
CA ALA A 182 -15.36 -4.97 8.07
C ALA A 182 -16.30 -4.17 7.19
N ALA A 183 -17.38 -4.80 6.70
CA ALA A 183 -18.38 -4.07 5.94
C ALA A 183 -19.07 -3.01 6.78
N ILE A 184 -19.35 -3.33 8.05
CA ILE A 184 -19.98 -2.37 8.94
C ILE A 184 -19.05 -1.19 9.20
N GLY A 185 -17.74 -1.46 9.33
CA GLY A 185 -16.79 -0.38 9.51
C GLY A 185 -16.81 0.63 8.37
N MSE A 186 -16.91 0.14 7.14
CA MSE A 186 -17.01 1.01 5.98
C MSE A 186 -18.36 1.72 5.98
O MSE A 186 -18.47 2.86 5.49
CB MSE A 186 -16.83 0.20 4.68
CG MSE A 186 -16.79 1.05 3.42
SE MSE A 186 -15.28 2.28 3.35
CE MSE A 186 -16.24 3.97 3.50
N PHE A 187 -19.38 1.07 6.53
CA PHE A 187 -20.70 1.68 6.61
C PHE A 187 -20.69 2.85 7.58
N ILE A 188 -20.00 2.72 8.71
CA ILE A 188 -19.87 3.84 9.65
C ILE A 188 -19.13 4.99 8.99
N GLY A 189 -18.15 4.69 8.15
CA GLY A 189 -17.41 5.74 7.47
C GLY A 189 -18.28 6.51 6.49
N LEU A 190 -19.10 5.81 5.72
CA LEU A 190 -19.98 6.49 4.78
C LEU A 190 -21.07 7.29 5.49
N LEU A 191 -21.46 6.88 6.69
CA LEU A 191 -22.42 7.65 7.47
C LEU A 191 -21.82 8.99 7.89
N VAL A 192 -20.64 8.96 8.51
CA VAL A 192 -20.00 10.20 8.95
C VAL A 192 -19.58 11.04 7.76
N TYR A 193 -19.19 10.40 6.66
CA TYR A 193 -18.75 11.16 5.49
C TYR A 193 -19.92 11.86 4.80
N TYR A 194 -21.03 11.15 4.61
CA TYR A 194 -22.17 11.73 3.91
C TYR A 194 -22.78 12.89 4.69
N PHE A 195 -23.22 12.63 5.92
CA PHE A 195 -23.87 13.68 6.69
C PHE A 195 -22.89 14.72 7.20
N GLY A 196 -21.65 14.31 7.50
CA GLY A 196 -20.65 15.28 7.92
C GLY A 196 -20.11 16.12 6.79
N GLY A 197 -20.04 15.55 5.58
CA GLY A 197 -19.55 16.31 4.43
C GLY A 197 -20.54 17.34 3.93
N LYS A 198 -21.83 17.09 4.16
CA LYS A 198 -22.86 18.04 3.74
C LYS A 198 -22.82 19.35 4.50
N LYS A 199 -22.08 19.41 5.61
CA LYS A 199 -22.02 20.61 6.43
C LYS A 199 -20.73 21.40 6.26
N THR A 200 -19.59 20.72 6.19
CA THR A 200 -18.29 21.38 6.24
C THR A 200 -17.48 21.28 4.96
N LEU A 201 -17.90 20.48 3.99
CA LEU A 201 -17.14 20.34 2.75
C LEU A 201 -17.65 21.30 1.69
N ASP A 202 -16.72 21.79 0.87
CA ASP A 202 -17.07 22.75 -0.16
C ASP A 202 -17.88 22.07 -1.26
N PRO A 203 -19.06 22.59 -1.61
CA PRO A 203 -19.87 21.95 -2.66
C PRO A 203 -19.28 22.03 -4.05
N HIS A 204 -18.20 22.81 -4.24
CA HIS A 204 -17.58 22.88 -5.56
C HIS A 204 -16.99 21.54 -5.98
N TYR A 205 -16.63 20.70 -5.01
CA TYR A 205 -16.03 19.40 -5.28
C TYR A 205 -17.06 18.28 -5.45
N LEU A 206 -18.33 18.64 -5.66
CA LEU A 206 -19.33 17.67 -6.06
C LEU A 206 -19.27 17.35 -7.55
N ARG A 207 -18.52 18.11 -8.31
CA ARG A 207 -18.32 17.94 -9.74
C ARG A 207 -16.83 17.95 -10.04
N PRO A 208 -16.40 17.44 -11.19
CA PRO A 208 -14.99 17.52 -11.54
C PRO A 208 -14.52 18.96 -11.67
N THR A 209 -13.43 19.28 -10.98
CA THR A 209 -12.89 20.64 -11.04
C THR A 209 -12.26 20.93 -12.39
N ASP A 210 -11.73 19.90 -13.06
CA ASP A 210 -11.15 20.03 -14.40
C ASP A 210 -11.91 19.09 -15.33
N PRO A 211 -13.14 19.42 -15.70
CA PRO A 211 -13.94 18.52 -16.54
C PRO A 211 -13.36 18.40 -17.94
N LEU A 212 -13.72 17.29 -18.60
CA LEU A 212 -13.25 17.04 -19.94
C LEU A 212 -13.76 18.12 -20.90
N ALA A 213 -12.90 18.51 -21.83
CA ALA A 213 -13.30 19.38 -22.91
C ALA A 213 -13.97 18.55 -24.01
N PRO A 214 -14.81 19.18 -24.85
CA PRO A 214 -15.48 18.40 -25.91
C PRO A 214 -14.53 17.64 -26.80
N GLU A 215 -13.40 18.25 -27.19
CA GLU A 215 -12.43 17.58 -28.04
C GLU A 215 -11.55 16.59 -27.29
N GLU A 216 -11.64 16.54 -25.96
CA GLU A 216 -10.88 15.60 -25.16
C GLU A 216 -11.59 14.28 -24.93
N VAL A 217 -12.91 14.23 -25.20
CA VAL A 217 -13.70 13.04 -24.86
C VAL A 217 -13.33 11.88 -25.79
N LYS A 218 -13.31 12.12 -27.10
CA LYS A 218 -13.07 11.04 -28.04
C LYS A 218 -11.68 10.43 -27.90
N PRO A 219 -10.57 11.20 -27.82
CA PRO A 219 -9.27 10.56 -27.67
C PRO A 219 -9.12 9.76 -26.37
N LEU A 220 -9.75 10.22 -25.28
CA LEU A 220 -9.71 9.44 -24.05
C LEU A 220 -10.48 8.13 -24.20
N LEU A 221 -11.60 8.17 -24.93
CA LEU A 221 -12.36 6.94 -25.16
C LEU A 221 -11.57 5.96 -26.01
N VAL A 222 -10.82 6.45 -27.00
CA VAL A 222 -9.99 5.57 -27.82
C VAL A 222 -8.86 4.99 -26.98
N LYS A 223 -8.27 5.81 -26.10
CA LYS A 223 -7.13 5.35 -25.32
C LYS A 223 -7.53 4.25 -24.35
N VAL A 224 -8.67 4.38 -23.69
CA VAL A 224 -9.08 3.36 -22.74
C VAL A 224 -9.62 2.12 -23.45
N SER A 225 -10.13 2.28 -24.68
CA SER A 225 -10.67 1.13 -25.40
C SER A 225 -9.56 0.25 -25.96
N LEU A 226 -8.48 0.86 -26.47
CA LEU A 226 -7.37 0.08 -27.00
C LEU A 226 -6.66 -0.69 -25.89
N ALA A 227 -6.57 -0.09 -24.70
CA ALA A 227 -5.92 -0.78 -23.58
C ALA A 227 -6.75 -1.98 -23.13
N VAL A 228 -8.08 -1.85 -23.13
CA VAL A 228 -8.94 -2.95 -22.74
C VAL A 228 -8.90 -4.06 -23.78
N ALA A 229 -9.01 -3.69 -25.06
CA ALA A 229 -8.99 -4.69 -26.12
C ALA A 229 -7.66 -5.44 -26.15
N GLY A 230 -6.56 -4.73 -25.95
CA GLY A 230 -5.26 -5.39 -25.91
C GLY A 230 -5.12 -6.31 -24.71
N PHE A 231 -5.56 -5.85 -23.53
CA PHE A 231 -5.50 -6.68 -22.34
C PHE A 231 -6.39 -7.91 -22.47
N ILE A 232 -7.57 -7.74 -23.09
CA ILE A 232 -8.42 -8.89 -23.37
C ILE A 232 -7.77 -9.81 -24.38
N ALA A 233 -7.10 -9.24 -25.39
CA ALA A 233 -6.43 -10.06 -26.39
C ALA A 233 -5.30 -10.87 -25.77
N ILE A 234 -4.57 -10.30 -24.82
CA ILE A 234 -3.51 -11.03 -24.15
C ILE A 234 -4.08 -12.22 -23.38
N ILE A 235 -5.23 -12.03 -22.72
CA ILE A 235 -5.87 -13.12 -22.00
C ILE A 235 -6.37 -14.17 -22.98
N VAL A 236 -6.82 -13.76 -24.16
CA VAL A 236 -7.36 -14.71 -25.14
C VAL A 236 -6.28 -15.68 -25.60
N VAL A 237 -5.13 -15.14 -26.03
CA VAL A 237 -4.07 -16.00 -26.55
C VAL A 237 -3.45 -16.88 -25.47
N MSE A 238 -3.59 -16.50 -24.20
CA MSE A 238 -3.07 -17.30 -23.10
C MSE A 238 -3.80 -18.64 -23.00
O MSE A 238 -3.17 -19.69 -22.94
CB MSE A 238 -3.18 -16.56 -21.78
CG MSE A 238 -2.11 -15.51 -21.57
SE MSE A 238 -2.30 -14.63 -19.84
CE MSE A 238 -0.71 -13.52 -19.94
N ASN A 239 -5.13 -18.57 -22.99
CA ASN A 239 -5.93 -19.79 -22.88
C ASN A 239 -5.76 -20.68 -24.11
N LEU A 240 -5.51 -20.09 -25.27
CA LEU A 240 -5.27 -20.89 -26.47
C LEU A 240 -3.92 -21.59 -26.38
N VAL A 241 -2.88 -20.88 -25.91
CA VAL A 241 -1.57 -21.50 -25.73
C VAL A 241 -1.62 -22.51 -24.59
N GLY A 242 -2.43 -22.25 -23.56
CA GLY A 242 -2.55 -23.15 -22.43
C GLY A 242 -2.17 -22.56 -21.09
N TRP A 243 -1.72 -21.31 -21.03
CA TRP A 243 -1.33 -20.66 -19.78
C TRP A 243 -2.56 -20.04 -19.13
N ASN A 244 -3.45 -20.92 -18.65
CA ASN A 244 -4.73 -20.51 -18.11
C ASN A 244 -4.90 -20.94 -16.64
N SER A 245 -3.80 -21.07 -15.92
CA SER A 245 -3.87 -21.38 -14.50
C SER A 245 -3.87 -20.09 -13.67
N LEU A 246 -4.23 -20.23 -12.40
CA LEU A 246 -4.20 -19.07 -11.51
C LEU A 246 -2.81 -18.49 -11.35
N PRO A 247 -1.74 -19.27 -11.18
CA PRO A 247 -0.39 -18.68 -11.22
C PRO A 247 -0.06 -18.03 -12.56
N ALA A 248 -0.70 -18.44 -13.65
CA ALA A 248 -0.46 -17.81 -14.93
C ALA A 248 -1.04 -16.40 -14.97
N TYR A 249 -2.26 -16.22 -14.44
CA TYR A 249 -2.85 -14.89 -14.39
C TYR A 249 -2.09 -13.97 -13.44
N ILE A 250 -1.67 -14.50 -12.29
CA ILE A 250 -0.91 -13.70 -11.33
C ILE A 250 0.39 -13.22 -11.96
N ASN A 251 1.02 -14.05 -12.79
CA ASN A 251 2.22 -13.62 -13.49
C ASN A 251 1.92 -12.52 -14.50
N LEU A 252 0.74 -12.56 -15.14
CA LEU A 252 0.35 -11.49 -16.06
C LEU A 252 0.23 -10.17 -15.33
N LEU A 253 -0.53 -10.14 -14.24
CA LEU A 253 -0.68 -8.91 -13.46
C LEU A 253 0.64 -8.48 -12.83
N THR A 254 1.57 -9.42 -12.62
CA THR A 254 2.90 -9.05 -12.15
C THR A 254 3.68 -8.32 -13.23
N ILE A 255 3.56 -8.78 -14.49
CA ILE A 255 4.31 -8.17 -15.57
C ILE A 255 3.75 -6.81 -15.93
N VAL A 256 2.42 -6.69 -15.99
CA VAL A 256 1.81 -5.41 -16.35
C VAL A 256 1.99 -4.38 -15.24
N ALA A 257 2.19 -4.81 -14.00
CA ALA A 257 2.42 -3.86 -12.91
C ALA A 257 3.87 -3.39 -12.87
N ILE A 258 4.80 -4.23 -13.32
CA ILE A 258 6.21 -3.83 -13.37
C ILE A 258 6.56 -3.12 -14.68
N ALA A 259 5.89 -3.48 -15.78
CA ALA A 259 6.19 -2.86 -17.06
C ALA A 259 5.77 -1.40 -17.10
N ILE A 260 4.78 -1.00 -16.29
CA ILE A 260 4.32 0.39 -16.32
C ILE A 260 5.42 1.35 -15.87
N PRO A 261 6.11 1.15 -14.75
CA PRO A 261 7.24 2.03 -14.44
C PRO A 261 8.42 1.83 -15.38
N VAL A 262 8.65 0.60 -15.86
CA VAL A 262 9.75 0.36 -16.78
C VAL A 262 9.50 1.07 -18.10
N PHE A 263 8.28 0.99 -18.63
CA PHE A 263 7.96 1.72 -19.85
C PHE A 263 8.01 3.22 -19.61
N TYR A 264 7.50 3.69 -18.46
CA TYR A 264 7.59 5.12 -18.16
C TYR A 264 9.04 5.57 -18.04
N PHE A 265 9.90 4.73 -17.45
CA PHE A 265 11.30 5.09 -17.30
C PHE A 265 12.00 5.20 -18.66
N ALA A 266 11.87 4.16 -19.50
CA ALA A 266 12.45 4.21 -20.83
C ALA A 266 11.82 5.31 -21.68
N TRP A 267 10.56 5.65 -21.41
CA TRP A 267 9.91 6.74 -22.11
C TRP A 267 10.50 8.09 -21.71
N MSE A 268 10.93 8.22 -20.46
CA MSE A 268 11.44 9.49 -19.94
C MSE A 268 12.92 9.69 -20.25
O MSE A 268 13.33 10.79 -20.61
CB MSE A 268 11.21 9.57 -18.43
CG MSE A 268 9.76 9.86 -18.04
SE MSE A 268 9.46 9.69 -16.12
CE MSE A 268 10.98 10.71 -15.50
N ILE A 269 13.72 8.64 -20.10
CA ILE A 269 15.15 8.75 -20.32
C ILE A 269 15.53 8.88 -21.78
N SER A 270 14.58 8.64 -22.70
CA SER A 270 14.89 8.66 -24.13
C SER A 270 14.51 9.97 -24.80
N SER A 271 13.62 10.76 -24.22
CA SER A 271 13.16 11.99 -24.85
C SER A 271 14.30 13.00 -25.00
N VAL A 272 14.21 13.83 -26.03
CA VAL A 272 15.27 14.77 -26.35
C VAL A 272 14.94 16.16 -25.81
N LYS A 273 13.63 16.46 -25.71
CA LYS A 273 13.17 17.79 -25.34
C LYS A 273 13.50 18.13 -23.89
N VAL A 274 14.18 17.22 -23.20
CA VAL A 274 14.54 17.41 -21.80
C VAL A 274 15.97 17.93 -21.63
N THR A 275 16.85 17.73 -22.62
CA THR A 275 18.25 18.15 -22.60
C THR A 275 19.04 17.39 -21.53
N SER A 276 20.34 17.69 -21.42
CA SER A 276 21.24 16.82 -20.69
C SER A 276 21.09 16.98 -19.17
N THR A 277 20.92 18.22 -18.69
CA THR A 277 20.93 18.48 -17.26
C THR A 277 19.81 17.72 -16.55
N GLU A 278 18.58 17.90 -17.01
CA GLU A 278 17.45 17.21 -16.40
C GLU A 278 17.43 15.72 -16.73
N HIS A 279 18.18 15.31 -17.77
CA HIS A 279 18.25 13.89 -18.11
C HIS A 279 18.97 13.09 -17.04
N LEU A 280 20.02 13.67 -16.45
CA LEU A 280 20.76 12.96 -15.40
C LEU A 280 19.95 12.84 -14.13
N ARG A 281 19.02 13.76 -13.89
CA ARG A 281 18.17 13.66 -12.70
C ARG A 281 17.28 12.43 -12.76
N VAL A 282 16.83 12.04 -13.95
CA VAL A 282 16.00 10.85 -14.08
C VAL A 282 16.84 9.59 -13.89
N VAL A 283 18.07 9.59 -14.42
CA VAL A 283 18.96 8.44 -14.25
C VAL A 283 19.33 8.28 -12.78
N SER A 284 19.67 9.38 -12.11
CA SER A 284 20.04 9.31 -10.70
C SER A 284 18.88 8.90 -9.81
N TYR A 285 17.64 9.10 -10.27
CA TYR A 285 16.48 8.69 -9.49
C TYR A 285 16.20 7.20 -9.58
N ILE A 286 16.71 6.52 -10.62
CA ILE A 286 16.48 5.08 -10.75
C ILE A 286 17.01 4.31 -9.56
N PRO A 287 18.21 4.57 -9.02
CA PRO A 287 18.60 3.90 -7.77
C PRO A 287 17.70 4.21 -6.60
N LEU A 288 17.00 5.35 -6.62
CA LEU A 288 16.09 5.69 -5.53
C LEU A 288 14.75 4.97 -5.69
N PHE A 289 14.26 4.85 -6.92
CA PHE A 289 12.99 4.17 -7.16
C PHE A 289 13.11 2.68 -6.86
N ILE A 290 14.21 2.06 -7.25
CA ILE A 290 14.39 0.63 -7.01
C ILE A 290 14.50 0.35 -5.52
N ALA A 291 15.07 1.28 -4.75
CA ALA A 291 15.16 1.09 -3.31
C ALA A 291 13.79 1.16 -2.65
N ALA A 292 12.93 2.06 -3.14
CA ALA A 292 11.56 2.11 -2.63
C ALA A 292 10.81 0.83 -2.95
N VAL A 293 11.06 0.25 -4.13
CA VAL A 293 10.42 -1.00 -4.50
C VAL A 293 10.84 -2.11 -3.55
N LEU A 294 12.13 -2.17 -3.21
CA LEU A 294 12.62 -3.22 -2.32
C LEU A 294 12.10 -3.03 -0.91
N PHE A 295 12.00 -1.79 -0.45
CA PHE A 295 11.48 -1.55 0.90
C PHE A 295 10.01 -1.91 0.99
N TRP A 296 9.18 -1.39 0.07
CA TRP A 296 7.76 -1.71 0.09
C TRP A 296 7.51 -3.19 -0.17
N ALA A 297 8.45 -3.89 -0.80
CA ALA A 297 8.34 -5.34 -0.91
C ALA A 297 8.50 -6.00 0.46
N ILE A 298 9.48 -5.56 1.24
CA ILE A 298 9.69 -6.12 2.57
C ILE A 298 8.58 -5.72 3.52
N GLU A 299 8.15 -4.45 3.45
CA GLU A 299 7.13 -3.97 4.38
C GLU A 299 5.79 -4.65 4.13
N GLU A 300 5.46 -4.94 2.87
CA GLU A 300 4.19 -5.57 2.55
C GLU A 300 4.19 -7.07 2.83
N GLN A 301 5.35 -7.69 3.05
CA GLN A 301 5.40 -9.09 3.41
C GLN A 301 5.04 -9.33 4.87
N GLY A 302 4.74 -8.29 5.63
CA GLY A 302 4.30 -8.48 7.01
C GLY A 302 2.94 -9.13 7.10
N SER A 303 2.05 -8.80 6.16
CA SER A 303 0.72 -9.38 6.10
C SER A 303 0.70 -10.70 5.34
N VAL A 304 1.82 -11.16 4.82
CA VAL A 304 1.89 -12.39 4.05
C VAL A 304 2.88 -13.36 4.69
N VAL A 305 4.17 -13.07 4.53
CA VAL A 305 5.21 -13.98 5.04
C VAL A 305 5.23 -13.94 6.56
N LEU A 306 5.30 -12.74 7.15
CA LEU A 306 5.34 -12.63 8.60
C LEU A 306 4.03 -13.12 9.23
N ALA A 307 2.91 -12.94 8.53
CA ALA A 307 1.65 -13.50 9.02
C ALA A 307 1.69 -15.02 9.02
N THR A 308 2.35 -15.62 8.02
CA THR A 308 2.52 -17.07 7.99
C THR A 308 3.42 -17.54 9.12
N PHE A 309 4.52 -16.82 9.36
CA PHE A 309 5.41 -17.16 10.47
C PHE A 309 4.68 -17.06 11.81
N ALA A 310 3.82 -16.06 11.96
CA ALA A 310 3.11 -15.87 13.22
C ALA A 310 2.20 -17.04 13.54
N ALA A 311 1.54 -17.59 12.52
CA ALA A 311 0.59 -18.67 12.73
C ALA A 311 1.26 -20.03 12.89
N GLU A 312 2.47 -20.20 12.35
CA GLU A 312 3.10 -21.52 12.30
C GLU A 312 4.34 -21.67 13.16
N ARG A 313 5.03 -20.58 13.48
CA ARG A 313 6.31 -20.66 14.18
C ARG A 313 6.33 -19.91 15.50
N VAL A 314 5.20 -19.37 15.94
CA VAL A 314 5.12 -18.58 17.17
C VAL A 314 4.11 -19.23 18.10
N ASP A 315 4.51 -19.44 19.36
CA ASP A 315 3.62 -20.00 20.37
C ASP A 315 2.69 -18.90 20.88
N SER A 316 1.65 -18.65 20.09
CA SER A 316 0.64 -17.63 20.40
C SER A 316 -0.69 -18.33 20.67
N SER A 317 -0.75 -19.10 21.76
CA SER A 317 -1.94 -19.89 22.06
C SER A 317 -3.04 -19.07 22.73
N TRP A 318 -2.68 -17.95 23.36
CA TRP A 318 -3.61 -17.23 24.23
C TRP A 318 -4.21 -15.99 23.57
N PHE A 319 -4.01 -15.80 22.27
CA PHE A 319 -4.61 -14.67 21.57
C PHE A 319 -4.64 -14.97 20.08
N PRO A 320 -5.55 -14.36 19.33
CA PRO A 320 -5.60 -14.61 17.89
C PRO A 320 -4.32 -14.17 17.19
N VAL A 321 -3.86 -15.00 16.25
CA VAL A 321 -2.61 -14.72 15.55
C VAL A 321 -2.72 -13.45 14.72
N SER A 322 -3.92 -13.12 14.24
CA SER A 322 -4.09 -11.95 13.39
C SER A 322 -3.77 -10.64 14.12
N TRP A 323 -3.70 -10.66 15.45
CA TRP A 323 -3.38 -9.44 16.19
C TRP A 323 -1.96 -8.95 15.94
N PHE A 324 -1.09 -9.81 15.39
CA PHE A 324 0.26 -9.37 15.05
C PHE A 324 0.27 -8.30 13.98
N GLN A 325 -0.79 -8.20 13.18
CA GLN A 325 -0.86 -7.18 12.14
C GLN A 325 -1.00 -5.78 12.72
N SER A 326 -1.47 -5.65 13.96
CA SER A 326 -1.55 -4.35 14.60
C SER A 326 -0.17 -3.79 14.96
N LEU A 327 0.88 -4.61 14.93
CA LEU A 327 2.22 -4.13 15.26
C LEU A 327 2.71 -3.12 14.24
N ASN A 328 2.30 -3.25 12.98
CA ASN A 328 2.77 -2.31 11.96
C ASN A 328 2.25 -0.89 12.20
N PRO A 329 0.94 -0.66 12.38
CA PRO A 329 0.50 0.70 12.69
C PRO A 329 0.79 1.14 14.12
N LEU A 330 1.10 0.21 15.02
CA LEU A 330 1.42 0.57 16.39
C LEU A 330 2.74 1.33 16.46
N PHE A 331 3.78 0.78 15.84
CA PHE A 331 5.08 1.46 15.86
C PHE A 331 5.06 2.77 15.09
N ILE A 332 4.21 2.88 14.06
CA ILE A 332 4.11 4.13 13.32
C ILE A 332 3.57 5.24 14.22
N MSE A 333 2.54 4.94 15.00
CA MSE A 333 1.97 5.92 15.91
C MSE A 333 2.94 6.25 17.04
O MSE A 333 2.92 7.37 17.57
CB MSE A 333 0.64 5.40 16.49
CG MSE A 333 -0.44 5.22 15.45
SE MSE A 333 -2.03 4.32 16.12
CE MSE A 333 -2.94 5.81 16.96
N LEU A 334 3.77 5.29 17.42
CA LEU A 334 4.76 5.52 18.45
C LEU A 334 5.99 6.26 17.92
N TYR A 335 6.36 6.02 16.66
CA TYR A 335 7.55 6.66 16.10
C TYR A 335 7.29 8.08 15.62
N THR A 336 6.04 8.40 15.28
CA THR A 336 5.75 9.71 14.70
C THR A 336 6.03 10.87 15.64
N PRO A 337 5.63 10.86 16.92
CA PRO A 337 5.95 12.02 17.77
C PRO A 337 7.44 12.19 18.02
N PHE A 338 8.22 11.10 17.98
CA PHE A 338 9.66 11.21 18.14
C PHE A 338 10.31 11.81 16.90
N PHE A 339 9.99 11.28 15.73
CA PHE A 339 10.60 11.78 14.49
C PHE A 339 10.11 13.18 14.16
N ALA A 340 8.90 13.55 14.60
CA ALA A 340 8.45 14.92 14.41
C ALA A 340 9.36 15.90 15.14
N TRP A 341 9.75 15.56 16.37
CA TRP A 341 10.71 16.38 17.11
C TRP A 341 12.11 16.25 16.53
N LEU A 342 12.44 15.10 15.95
CA LEU A 342 13.82 14.84 15.53
C LEU A 342 14.21 15.72 14.35
N TRP A 343 13.42 15.68 13.27
CA TRP A 343 13.84 16.36 12.04
C TRP A 343 13.88 17.88 12.22
N THR A 344 13.03 18.43 13.07
CA THR A 344 13.05 19.88 13.29
C THR A 344 14.21 20.29 14.20
N ALA A 345 14.47 19.51 15.25
CA ALA A 345 15.56 19.85 16.17
C ALA A 345 16.92 19.55 15.57
N TRP A 346 17.01 18.58 14.67
CA TRP A 346 18.28 18.21 14.04
C TRP A 346 18.58 19.19 12.91
N LYS A 347 18.96 20.40 13.31
CA LYS A 347 19.30 21.46 12.36
C LYS A 347 20.77 21.41 11.93
N LYS A 348 21.63 20.80 12.73
CA LYS A 348 23.07 20.82 12.49
C LYS A 348 23.43 20.12 11.18
N ASN A 349 23.38 18.79 11.17
CA ASN A 349 23.81 18.00 10.02
C ASN A 349 22.79 16.88 9.78
N GLN A 350 21.60 17.26 9.32
CA GLN A 350 20.60 16.25 8.98
C GLN A 350 21.02 15.51 7.72
N PRO A 351 20.91 14.19 7.68
CA PRO A 351 21.32 13.45 6.49
C PRO A 351 20.47 13.81 5.28
N SER A 352 21.05 13.61 4.11
CA SER A 352 20.34 13.91 2.88
C SER A 352 19.16 12.96 2.69
N SER A 353 18.19 13.41 1.90
CA SER A 353 17.05 12.55 1.61
C SER A 353 17.41 11.27 0.84
N PRO A 354 18.43 11.24 -0.03
CA PRO A 354 18.85 9.93 -0.57
C PRO A 354 19.42 9.01 0.49
N THR A 355 20.17 9.54 1.46
CA THR A 355 20.71 8.69 2.51
C THR A 355 19.61 8.04 3.33
N LYS A 356 18.51 8.77 3.54
CA LYS A 356 17.37 8.20 4.27
C LYS A 356 16.74 7.05 3.49
N PHE A 357 16.82 7.08 2.16
CA PHE A 357 16.41 5.92 1.37
C PHE A 357 17.31 4.73 1.64
N ALA A 358 18.63 4.95 1.73
CA ALA A 358 19.57 3.86 1.93
C ALA A 358 19.43 3.27 3.33
N VAL A 359 19.49 4.11 4.36
CA VAL A 359 19.37 3.62 5.73
C VAL A 359 18.00 3.00 5.95
N GLY A 360 16.96 3.53 5.30
CA GLY A 360 15.65 2.92 5.40
C GLY A 360 15.59 1.54 4.79
N LEU A 361 16.31 1.33 3.68
CA LEU A 361 16.35 0.01 3.06
C LEU A 361 17.18 -0.96 3.88
N MSE A 362 18.25 -0.48 4.52
CA MSE A 362 19.09 -1.33 5.35
C MSE A 362 18.32 -1.84 6.58
O MSE A 362 18.47 -3.00 6.96
CB MSE A 362 20.35 -0.58 5.79
CG MSE A 362 21.25 -0.16 4.63
SE MSE A 362 22.84 0.81 5.21
CE MSE A 362 23.74 -0.62 6.18
N PHE A 363 17.52 -0.96 7.17
CA PHE A 363 16.71 -1.38 8.32
C PHE A 363 15.62 -2.36 7.92
N ALA A 364 15.07 -2.22 6.70
CA ALA A 364 14.15 -3.22 6.20
C ALA A 364 14.85 -4.56 5.99
N GLY A 365 16.12 -4.51 5.60
CA GLY A 365 16.89 -5.73 5.49
C GLY A 365 17.29 -6.30 6.84
N LEU A 366 17.54 -5.42 7.82
CA LEU A 366 17.80 -5.89 9.18
C LEU A 366 16.59 -6.57 9.78
N SER A 367 15.38 -6.20 9.35
CA SER A 367 14.18 -6.85 9.84
C SER A 367 14.10 -8.30 9.39
N PHE A 368 14.52 -8.58 8.15
CA PHE A 368 14.54 -9.95 7.68
C PHE A 368 15.76 -10.72 8.18
N LEU A 369 16.90 -10.05 8.32
CA LEU A 369 18.06 -10.70 8.91
C LEU A 369 17.79 -11.13 10.35
N LEU A 370 17.00 -10.35 11.09
CA LEU A 370 16.64 -10.73 12.44
C LEU A 370 15.79 -12.00 12.45
N MSE A 371 14.96 -12.20 11.44
CA MSE A 371 14.05 -13.33 11.40
C MSE A 371 14.75 -14.65 11.06
O MSE A 371 14.20 -15.73 11.28
CB MSE A 371 12.93 -13.07 10.40
CG MSE A 371 11.98 -11.96 10.84
SE MSE A 371 11.20 -12.39 12.57
CE MSE A 371 10.28 -14.02 12.05
N ALA A 372 15.97 -14.55 10.52
CA ALA A 372 16.74 -15.74 10.21
C ALA A 372 17.45 -16.31 11.44
N ILE A 373 17.54 -15.54 12.52
CA ILE A 373 18.24 -15.96 13.73
C ILE A 373 17.50 -17.10 14.44
N PRO A 374 16.21 -16.98 14.75
CA PRO A 374 15.56 -18.06 15.51
C PRO A 374 15.57 -19.40 14.80
N GLY A 375 15.41 -19.41 13.48
CA GLY A 375 15.44 -20.67 12.75
C GLY A 375 16.82 -21.29 12.70
N ALA A 376 17.88 -20.47 12.73
CA ALA A 376 19.23 -21.00 12.69
C ALA A 376 19.66 -21.53 14.06
N LEU A 377 19.21 -20.89 15.13
CA LEU A 377 19.60 -21.26 16.49
C LEU A 377 18.74 -22.37 17.06
N TYR A 378 17.42 -22.25 16.93
CA TYR A 378 16.51 -23.22 17.53
C TYR A 378 16.00 -24.27 16.54
N GLY A 379 16.10 -24.02 15.24
CA GLY A 379 15.48 -24.86 14.25
C GLY A 379 14.11 -24.34 13.84
N THR A 380 13.54 -25.00 12.83
CA THR A 380 12.25 -24.60 12.27
C THR A 380 11.13 -25.57 12.63
N SER A 381 11.35 -26.47 13.58
CA SER A 381 10.33 -27.45 13.95
C SER A 381 9.42 -26.95 15.06
N GLY A 382 9.96 -26.23 16.03
CA GLY A 382 9.21 -25.76 17.17
C GLY A 382 8.73 -24.33 17.00
N LYS A 383 8.32 -23.73 18.11
CA LYS A 383 7.86 -22.35 18.15
C LYS A 383 8.84 -21.48 18.91
N VAL A 384 8.91 -20.22 18.51
CA VAL A 384 9.83 -19.26 19.12
C VAL A 384 9.05 -18.19 19.85
N SER A 385 9.75 -17.29 20.54
CA SER A 385 9.09 -16.25 21.29
C SER A 385 8.40 -15.26 20.36
N PRO A 386 7.23 -14.74 20.73
CA PRO A 386 6.58 -13.71 19.91
C PRO A 386 7.39 -12.43 19.80
N LEU A 387 8.42 -12.24 20.63
CA LEU A 387 9.21 -11.02 20.59
C LEU A 387 10.07 -10.92 19.32
N TRP A 388 10.26 -12.02 18.61
CA TRP A 388 11.01 -11.96 17.35
C TRP A 388 10.26 -11.16 16.30
N LEU A 389 8.92 -11.28 16.28
CA LEU A 389 8.13 -10.53 15.32
C LEU A 389 8.03 -9.06 15.69
N VAL A 390 7.88 -8.76 16.99
CA VAL A 390 7.79 -7.36 17.39
C VAL A 390 9.12 -6.65 17.20
N GLY A 391 10.22 -7.39 17.24
CA GLY A 391 11.51 -6.80 16.91
C GLY A 391 11.71 -6.62 15.42
N SER A 392 11.19 -7.54 14.61
CA SER A 392 11.27 -7.40 13.17
C SER A 392 10.43 -6.22 12.69
N TRP A 393 9.20 -6.10 13.17
CA TRP A 393 8.36 -4.96 12.79
C TRP A 393 8.94 -3.64 13.29
N ALA A 394 9.60 -3.66 14.46
CA ALA A 394 10.21 -2.44 14.96
C ALA A 394 11.31 -1.94 14.04
N LEU A 395 12.03 -2.85 13.39
CA LEU A 395 13.12 -2.46 12.50
C LEU A 395 12.59 -1.97 11.15
N VAL A 396 11.63 -2.69 10.56
CA VAL A 396 11.16 -2.32 9.23
C VAL A 396 10.41 -0.99 9.26
N ILE A 397 9.79 -0.65 10.39
CA ILE A 397 9.07 0.62 10.48
C ILE A 397 10.04 1.77 10.75
N LEU A 398 11.16 1.50 11.43
CA LEU A 398 12.23 2.50 11.50
C LEU A 398 12.71 2.88 10.11
N GLY A 399 12.72 1.91 9.18
CA GLY A 399 13.04 2.23 7.80
C GLY A 399 11.95 3.01 7.11
N GLU A 400 10.70 2.87 7.56
CA GLU A 400 9.60 3.61 6.97
C GLU A 400 9.60 5.07 7.40
N MSE A 401 10.04 5.35 8.62
CA MSE A 401 10.09 6.72 9.11
C MSE A 401 11.10 7.56 8.34
O MSE A 401 11.01 8.79 8.29
CB MSE A 401 10.42 6.74 10.60
CG MSE A 401 9.43 5.97 11.46
SE MSE A 401 7.60 6.58 11.21
CE MSE A 401 7.82 8.41 11.88
N LEU A 402 12.07 6.88 7.72
CA LEU A 402 13.09 7.56 6.93
C LEU A 402 12.75 7.66 5.46
N ILE A 403 11.91 6.77 4.94
CA ILE A 403 11.63 6.69 3.51
C ILE A 403 10.29 7.34 3.16
N SER A 404 9.25 7.10 3.95
CA SER A 404 7.92 7.56 3.56
C SER A 404 7.79 9.07 3.53
N PRO A 405 8.20 9.84 4.55
CA PRO A 405 8.04 11.30 4.45
C PRO A 405 8.98 11.94 3.44
N VAL A 406 10.17 11.38 3.25
CA VAL A 406 11.14 11.99 2.34
C VAL A 406 10.89 11.56 0.90
N GLY A 407 10.27 10.40 0.69
CA GLY A 407 10.12 9.80 -0.63
C GLY A 407 9.49 10.69 -1.69
N LEU A 408 8.27 11.17 -1.42
CA LEU A 408 7.57 11.98 -2.41
C LEU A 408 8.30 13.29 -2.69
N SER A 409 8.97 13.85 -1.68
CA SER A 409 9.72 15.09 -1.89
C SER A 409 10.95 14.86 -2.76
N VAL A 410 11.54 13.67 -2.69
CA VAL A 410 12.70 13.37 -3.52
C VAL A 410 12.31 13.33 -5.00
N THR A 411 11.23 12.62 -5.31
CA THR A 411 10.80 12.49 -6.71
C THR A 411 10.43 13.84 -7.29
N THR A 412 9.85 14.73 -6.49
CA THR A 412 9.46 16.05 -6.99
C THR A 412 10.68 16.93 -7.23
N LYS A 413 11.69 16.82 -6.38
CA LYS A 413 12.88 17.66 -6.53
C LYS A 413 13.69 17.26 -7.76
N LEU A 414 13.76 15.97 -8.06
CA LEU A 414 14.49 15.48 -9.23
C LEU A 414 13.66 15.50 -10.50
N ALA A 415 12.36 15.76 -10.41
CA ALA A 415 11.49 15.71 -11.58
C ALA A 415 11.70 16.94 -12.46
N PRO A 416 12.03 16.77 -13.73
CA PRO A 416 11.97 17.92 -14.65
C PRO A 416 10.54 18.38 -14.86
N LYS A 417 10.40 19.62 -15.33
CA LYS A 417 9.09 20.21 -15.47
C LYS A 417 8.20 19.47 -16.47
N ALA A 418 8.79 18.75 -17.41
CA ALA A 418 8.02 18.00 -18.39
C ALA A 418 7.59 16.62 -17.92
N PHE A 419 8.24 16.08 -16.88
CA PHE A 419 7.94 14.76 -16.37
C PHE A 419 7.33 14.79 -14.97
N ASN A 420 6.93 15.97 -14.49
CA ASN A 420 6.57 16.12 -13.08
C ASN A 420 5.39 15.25 -12.70
N SER A 421 4.25 15.43 -13.38
CA SER A 421 3.06 14.67 -13.04
C SER A 421 3.27 13.17 -13.19
N GLN A 422 4.12 12.76 -14.13
CA GLN A 422 4.42 11.35 -14.31
C GLN A 422 5.42 10.85 -13.27
N MSE A 423 6.36 11.70 -12.88
CA MSE A 423 7.34 11.35 -11.85
C MSE A 423 6.68 11.10 -10.51
O MSE A 423 7.14 10.26 -9.72
CB MSE A 423 8.39 12.47 -11.70
CG MSE A 423 9.63 12.28 -12.54
SE MSE A 423 10.75 10.80 -11.92
CE MSE A 423 12.50 11.54 -12.33
N MSE A 424 5.60 11.84 -10.23
CA MSE A 424 4.88 11.67 -8.98
C MSE A 424 4.25 10.29 -8.91
O MSE A 424 4.21 9.67 -7.86
CB MSE A 424 3.81 12.76 -8.83
CG MSE A 424 4.36 14.18 -8.87
SE MSE A 424 3.78 15.30 -7.40
CE MSE A 424 1.88 15.40 -7.80
N SER A 425 3.77 9.81 -10.06
CA SER A 425 3.22 8.46 -10.12
C SER A 425 4.28 7.41 -9.82
N MSE A 426 5.52 7.65 -10.21
CA MSE A 426 6.61 6.71 -9.98
C MSE A 426 6.80 6.43 -8.49
O MSE A 426 7.13 5.30 -8.10
CB MSE A 426 7.91 7.24 -10.58
CG MSE A 426 7.86 7.43 -12.08
SE MSE A 426 7.57 5.75 -13.03
CE MSE A 426 9.22 4.86 -12.51
N TRP A 427 6.61 7.46 -7.66
CA TRP A 427 6.70 7.26 -6.22
C TRP A 427 5.52 6.42 -5.71
N PHE A 428 4.30 6.78 -6.09
CA PHE A 428 3.14 6.01 -5.65
C PHE A 428 3.14 4.60 -6.22
N LEU A 429 3.67 4.43 -7.43
CA LEU A 429 3.69 3.12 -8.07
C LEU A 429 4.79 2.21 -7.52
N SER A 430 5.75 2.74 -6.75
CA SER A 430 6.76 1.88 -6.14
C SER A 430 6.13 0.92 -5.15
N SER A 431 5.00 1.29 -4.55
CA SER A 431 4.30 0.38 -3.66
C SER A 431 3.66 -0.76 -4.43
N SER A 432 3.14 -0.48 -5.62
CA SER A 432 2.52 -1.52 -6.43
C SER A 432 3.56 -2.48 -7.00
N VAL A 433 4.74 -1.98 -7.34
CA VAL A 433 5.79 -2.85 -7.88
C VAL A 433 6.39 -3.71 -6.78
N GLY A 434 6.51 -3.16 -5.57
CA GLY A 434 7.00 -3.96 -4.46
C GLY A 434 6.10 -5.14 -4.14
N SER A 435 4.78 -4.91 -4.16
CA SER A 435 3.84 -6.01 -3.94
C SER A 435 3.78 -6.93 -5.14
N ALA A 436 3.98 -6.40 -6.35
CA ALA A 436 4.06 -7.26 -7.53
C ALA A 436 5.30 -8.14 -7.48
N LEU A 437 6.42 -7.60 -6.99
CA LEU A 437 7.60 -8.41 -6.76
C LEU A 437 7.36 -9.46 -5.69
N ASN A 438 6.57 -9.13 -4.67
CA ASN A 438 6.26 -10.08 -3.62
C ASN A 438 5.42 -11.25 -4.15
N ALA A 439 4.57 -10.99 -5.15
CA ALA A 439 3.74 -12.05 -5.71
C ALA A 439 4.56 -13.21 -6.26
N GLN A 440 5.84 -12.98 -6.56
CA GLN A 440 6.75 -14.02 -7.00
C GLN A 440 7.63 -14.56 -5.89
N LEU A 441 8.00 -13.71 -4.92
CA LEU A 441 8.96 -14.12 -3.90
C LEU A 441 8.29 -14.91 -2.77
N VAL A 442 7.06 -14.57 -2.41
CA VAL A 442 6.41 -15.24 -1.29
C VAL A 442 6.15 -16.72 -1.57
N THR A 443 6.20 -17.13 -2.84
CA THR A 443 6.10 -18.55 -3.16
C THR A 443 7.31 -19.33 -2.66
N LEU A 444 8.47 -18.67 -2.55
CA LEU A 444 9.70 -19.32 -2.13
C LEU A 444 9.73 -19.59 -0.62
N TYR A 445 8.87 -18.95 0.16
CA TYR A 445 8.88 -19.10 1.61
C TYR A 445 8.10 -20.33 2.03
N ASN A 446 8.72 -21.19 2.83
CA ASN A 446 8.07 -22.37 3.39
C ASN A 446 8.82 -22.75 4.66
N ALA A 447 8.48 -23.92 5.21
CA ALA A 447 9.09 -24.34 6.47
C ALA A 447 10.57 -24.66 6.30
N LYS A 448 10.94 -25.30 5.19
CA LYS A 448 12.32 -25.72 4.98
C LYS A 448 13.19 -24.62 4.39
N SER A 449 12.61 -23.55 3.87
CA SER A 449 13.37 -22.45 3.28
C SER A 449 13.32 -21.18 4.11
N GLU A 450 12.85 -21.27 5.36
CA GLU A 450 12.68 -20.07 6.19
C GLU A 450 14.01 -19.34 6.39
N VAL A 451 15.04 -20.05 6.82
CA VAL A 451 16.30 -19.40 7.17
C VAL A 451 16.98 -18.83 5.94
N ALA A 452 16.92 -19.55 4.81
CA ALA A 452 17.53 -19.04 3.58
C ALA A 452 16.75 -17.86 3.03
N TYR A 453 15.42 -17.92 3.09
CA TYR A 453 14.58 -16.82 2.58
C TYR A 453 14.89 -15.52 3.30
N PHE A 454 14.98 -15.56 4.63
CA PHE A 454 15.24 -14.35 5.39
C PHE A 454 16.68 -13.88 5.24
N SER A 455 17.62 -14.81 5.03
CA SER A 455 19.03 -14.43 4.99
C SER A 455 19.38 -13.73 3.68
N TYR A 456 18.98 -14.30 2.55
CA TYR A 456 19.41 -13.78 1.26
C TYR A 456 18.70 -12.47 0.92
N PHE A 457 17.37 -12.44 1.08
CA PHE A 457 16.64 -11.21 0.80
C PHE A 457 16.93 -10.13 1.85
N GLY A 458 17.29 -10.54 3.07
CA GLY A 458 17.65 -9.57 4.09
C GLY A 458 19.03 -8.97 3.85
N LEU A 459 20.00 -9.81 3.49
CA LEU A 459 21.34 -9.31 3.21
C LEU A 459 21.38 -8.56 1.89
N GLY A 460 20.63 -9.03 0.88
CA GLY A 460 20.57 -8.32 -0.38
C GLY A 460 20.03 -6.90 -0.23
N SER A 461 19.08 -6.72 0.69
CA SER A 461 18.56 -5.38 0.94
C SER A 461 19.56 -4.52 1.71
N VAL A 462 20.37 -5.14 2.58
CA VAL A 462 21.39 -4.38 3.31
C VAL A 462 22.51 -3.97 2.36
N VAL A 463 22.93 -4.87 1.47
CA VAL A 463 24.00 -4.56 0.53
C VAL A 463 23.57 -3.44 -0.42
N LEU A 464 22.35 -3.54 -0.96
CA LEU A 464 21.85 -2.49 -1.85
C LEU A 464 21.63 -1.18 -1.13
N GLY A 465 21.43 -1.21 0.20
CA GLY A 465 21.43 0.02 0.95
C GLY A 465 22.82 0.60 1.12
N ILE A 466 23.84 -0.26 1.16
CA ILE A 466 25.22 0.21 1.21
C ILE A 466 25.60 0.88 -0.12
N VAL A 467 25.14 0.31 -1.23
CA VAL A 467 25.45 0.88 -2.54
C VAL A 467 24.84 2.27 -2.67
N LEU A 468 23.61 2.45 -2.15
CA LEU A 468 22.97 3.76 -2.23
C LEU A 468 23.69 4.78 -1.36
N VAL A 469 24.28 4.34 -0.24
CA VAL A 469 25.07 5.25 0.58
C VAL A 469 26.21 5.86 -0.21
N PHE A 470 26.88 5.04 -1.03
CA PHE A 470 27.94 5.55 -1.90
C PHE A 470 27.38 6.53 -2.92
N LEU A 471 26.28 6.16 -3.57
CA LEU A 471 25.67 6.98 -4.62
C LEU A 471 24.86 8.14 -4.05
N SER A 472 24.88 8.35 -2.74
CA SER A 472 24.04 9.40 -2.14
C SER A 472 24.58 10.79 -2.42
N LYS A 473 25.91 10.94 -2.44
CA LYS A 473 26.50 12.27 -2.65
C LYS A 473 26.25 12.77 -4.06
N ARG A 474 26.27 11.88 -5.05
CA ARG A 474 26.05 12.29 -6.44
C ARG A 474 24.60 12.69 -6.67
N ILE A 475 23.65 11.95 -6.08
CA ILE A 475 22.24 12.21 -6.33
C ILE A 475 21.81 13.50 -5.65
N GLN A 476 22.26 13.73 -4.41
CA GLN A 476 21.90 14.95 -3.71
C GLN A 476 22.47 16.18 -4.40
N GLY A 477 23.65 16.05 -5.01
CA GLY A 477 24.25 17.19 -5.70
C GLY A 477 23.43 17.65 -6.89
N LEU A 478 22.75 16.73 -7.58
CA LEU A 478 21.92 17.09 -8.71
C LEU A 478 20.67 17.86 -8.27
N MSE A 479 20.22 17.68 -7.03
CA MSE A 479 19.05 18.38 -6.53
C MSE A 479 19.35 19.85 -6.28
O MSE A 479 18.53 20.72 -6.55
CB MSE A 479 18.55 17.71 -5.24
CG MSE A 479 18.24 16.23 -5.39
SE MSE A 479 17.78 15.39 -3.71
CE MSE A 479 17.48 13.57 -4.37
O21 78M B . 19.44 -23.49 7.52
C20 78M B . 19.91 -23.13 8.80
C18 78M B . 21.43 -23.04 8.77
O19 78M B . 21.96 -24.22 9.31
C17 78M B . 21.89 -21.85 9.60
O2 78M B . 22.88 -21.14 8.90
C1 78M B . 22.54 -19.80 8.64
O1 78M B . 22.19 -19.49 7.55
C2 78M B . 22.65 -18.76 9.74
C3 78M B . 22.25 -17.39 9.17
C4 78M B . 22.38 -16.34 10.26
C5 78M B . 21.49 -15.15 9.92
C6 78M B . 21.69 -14.03 10.95
C7 78M B . 22.58 -12.95 10.36
C8 78M B . 22.51 -11.71 10.80
C9 78M B . 21.51 -11.34 11.90
C10 78M B . 21.84 -9.95 12.44
C11 78M B . 20.53 -9.21 12.75
C12 78M B . 20.84 -8.00 13.63
C13 78M B . 19.59 -7.11 13.72
O21 78M C . -18.15 17.61 -23.58
C20 78M C . -17.52 17.66 -22.32
C18 78M C . -18.36 16.91 -21.30
O19 78M C . -17.85 17.14 -20.02
C17 78M C . -18.32 15.41 -21.61
O2 78M C . -17.94 14.70 -20.46
C1 78M C . -18.06 13.31 -20.59
O1 78M C . -18.66 12.84 -21.50
C2 78M C . -17.43 12.39 -19.54
C3 78M C . -17.69 10.93 -19.90
C4 78M C . -16.58 10.42 -20.82
C5 78M C . -16.58 8.90 -20.82
C6 78M C . -15.58 8.40 -19.77
C7 78M C . -14.24 8.09 -20.44
C8 78M C . -13.79 6.85 -20.51
C9 78M C . -14.60 5.70 -19.91
C10 78M C . -13.96 5.27 -18.60
C11 78M C . -15.05 4.77 -17.64
C12 78M C . -15.64 5.95 -16.89
C13 78M C . -16.80 5.47 -16.02
C15 78M C . -16.00 6.75 -14.05
C14 78M C . -17.16 6.55 -15.00
O21 78M D . -19.66 -16.47 11.21
C20 78M D . -20.13 -17.71 10.76
C18 78M D . -21.41 -18.07 11.53
O19 78M D . -21.20 -19.27 12.24
C17 78M D . -22.56 -18.26 10.55
O2 78M D . -22.22 -17.69 9.32
C1 78M D . -23.02 -16.59 8.95
O1 78M D . -23.79 -16.71 8.05
C2 78M D . -22.89 -15.26 9.68
C3 78M D . -23.65 -14.19 8.90
C4 78M D . -23.22 -12.81 9.40
C5 78M D . -23.02 -11.88 8.21
C6 78M D . -24.33 -11.17 7.87
C7 78M D . -24.77 -10.32 9.06
C8 78M D . -24.83 -9.00 8.95
C9 78M D . -24.50 -8.31 7.64
C10 78M D . -23.97 -6.91 7.94
C11 78M D . -24.20 -6.01 6.72
C12 78M D . -23.42 -4.70 6.91
C13 78M D . -23.92 -3.65 5.92
C15 78M D . -25.51 -1.76 5.57
C14 78M D . -25.04 -2.83 6.56
O21 78M E . 11.07 -13.97 25.89
C20 78M E . 12.38 -13.57 25.58
C18 78M E . 12.83 -14.26 24.28
O19 78M E . 13.14 -15.60 24.55
C17 78M E . 14.06 -13.55 23.73
O2 78M E . 13.91 -13.35 22.35
C1 78M E . 14.38 -12.10 21.91
O1 78M E . 14.65 -11.26 22.70
C2 78M E . 14.54 -11.83 20.42
C3 78M E . 13.85 -10.53 20.04
C4 78M E . 14.84 -9.36 20.13
C5 78M E . 14.88 -8.63 18.79
C6 78M E . 14.95 -7.12 19.02
C7 78M E . 15.97 -6.51 18.07
C8 78M E . 15.90 -5.23 17.75
C9 78M E . 14.81 -4.33 18.32
C10 78M E . 15.29 -2.89 18.36
C11 78M E . 14.15 -1.96 17.97
C12 78M E . 14.45 -0.54 18.47
O21 78M F . 17.11 -15.89 23.28
C20 78M F . 17.54 -14.58 23.11
C18 78M F . 18.15 -14.40 21.72
O19 78M F . 19.15 -15.37 21.53
C17 78M F . 18.75 -13.01 21.59
O2 78M F . 19.30 -12.84 20.31
C1 78M F . 19.03 -11.60 19.73
O1 78M F . 18.03 -11.01 20.01
C2 78M F . 20.01 -10.99 18.74
C3 78M F . 19.31 -9.88 17.95
C4 78M F . 20.02 -8.55 18.16
C5 78M F . 19.62 -7.95 19.51
C6 78M F . 19.36 -6.45 19.33
C7 78M F . 20.69 -5.71 19.20
C8 78M F . 20.73 -4.45 18.79
C9 78M F . 19.44 -3.72 18.46
C10 78M F . 19.75 -2.62 17.44
C11 78M F . 18.61 -1.61 17.37
C12 78M F . 18.97 -0.50 16.40
C13 78M F . 18.03 0.69 16.60
C15 78M F . 17.84 3.17 16.41
C14 78M F . 18.63 1.94 15.96
O21 78M G . -22.51 15.36 0.70
C20 78M G . -22.55 14.49 -0.40
C18 78M G . -21.25 13.69 -0.45
O19 78M G . -20.17 14.50 -0.07
C17 78M G . -21.02 13.16 -1.86
O2 78M G . -21.58 11.88 -1.98
C1 78M G . -22.55 11.77 -2.98
O1 78M G . -22.24 11.89 -4.12
C2 78M G . -24.00 11.48 -2.59
C3 78M G . -24.50 10.24 -3.35
C4 78M G . -25.84 9.80 -2.78
C5 78M G . -26.32 8.55 -3.52
C6 78M G . -27.74 8.20 -3.07
C7 78M G . -27.68 7.25 -1.88
O21 78M H . -10.53 -19.48 -7.41
C20 78M H . -9.38 -18.75 -7.70
C18 78M H . -9.21 -17.63 -6.66
O19 78M H . -10.19 -17.76 -5.68
C17 78M H . -9.34 -16.27 -7.34
O2 78M H . -8.48 -15.35 -6.74
C1 78M H . -7.90 -14.44 -7.63
O1 78M H . -8.07 -14.57 -8.80
C2 78M H . -7.07 -13.28 -7.12
C3 78M H . -5.96 -12.97 -8.12
C4 78M H . -5.69 -11.47 -8.14
C5 78M H . -6.89 -10.74 -8.75
C6 78M H . -6.52 -9.28 -9.01
C7 78M H . -7.37 -8.73 -10.15
P PO4 I . -18.52 -21.90 -3.00
O1 PO4 I . -17.78 -22.60 -1.88
O2 PO4 I . -17.89 -20.56 -3.25
O3 PO4 I . -19.97 -21.70 -2.59
O4 PO4 I . -18.47 -22.74 -4.24
O21 78M J . 1.19 -22.12 -16.02
C20 78M J . 1.45 -21.26 -17.08
C18 78M J . 2.78 -20.54 -16.84
O19 78M J . 3.34 -20.97 -15.64
C17 78M J . 2.53 -19.02 -16.76
O2 78M J . 3.16 -18.39 -17.84
C1 78M J . 2.72 -17.08 -18.04
O1 78M J . 1.57 -16.85 -18.21
C2 78M J . 3.73 -15.92 -18.04
C3 78M J . 3.01 -14.60 -18.23
C4 78M J . 2.91 -14.27 -19.72
C5 78M J . 2.82 -12.76 -19.89
C6 78M J . 2.60 -12.41 -21.36
C7 78M J . 2.42 -10.90 -21.51
O21 78M K . 24.26 -26.26 12.82
C20 78M K . 23.76 -24.96 12.92
C18 78M K . 24.87 -23.96 12.60
O19 78M K . 25.81 -23.94 13.64
C17 78M K . 24.26 -22.57 12.44
O2 78M K . 24.81 -21.69 13.38
C1 78M K . 23.90 -20.74 13.87
O1 78M K . 22.77 -21.04 14.06
C2 78M K . 24.35 -19.31 14.14
C3 78M K . 23.52 -18.73 15.29
C4 78M K . 22.92 -17.38 14.88
C5 78M K . 24.00 -16.48 14.30
C6 78M K . 23.70 -15.02 14.61
C7 78M K . 24.82 -14.15 14.02
C8 78M K . 24.94 -12.88 14.33
C9 78M K . 23.98 -12.20 15.32
C10 78M K . 24.67 -11.00 15.95
C11 78M K . 23.64 -10.13 16.66
O21 78M L . 24.10 -16.98 5.31
C20 78M L . 24.70 -16.14 6.26
C18 78M L . 24.12 -14.73 6.14
O19 78M L . 23.96 -14.41 4.78
C17 78M L . 25.06 -13.73 6.79
O2 78M L . 24.48 -12.46 6.80
C1 78M L . 25.16 -11.52 7.58
O1 78M L . 25.56 -11.81 8.65
C2 78M L . 25.38 -10.10 7.04
C3 78M L . 25.65 -9.15 8.20
C4 78M L . 24.88 -7.84 7.96
C5 78M L . 25.41 -6.77 8.91
C6 78M L . 24.24 -5.99 9.52
C7 78M L . 24.09 -4.65 8.80
C8 78M L . 24.47 -3.53 9.39
C9 78M L . 25.10 -3.57 10.79
O21 78M M . 14.09 -15.92 -7.98
C20 78M M . 14.15 -14.57 -7.61
C18 78M M . 15.55 -14.25 -7.07
O19 78M M . 15.96 -15.27 -6.23
C17 78M M . 15.50 -12.93 -6.30
O2 78M M . 15.06 -11.90 -7.15
C1 78M M . 15.28 -10.61 -6.65
O1 78M M . 15.53 -10.46 -5.51
C2 78M M . 15.17 -9.41 -7.58
C3 78M M . 14.99 -8.14 -6.76
C4 78M M . 14.51 -7.01 -7.66
C5 78M M . 15.56 -5.90 -7.70
C6 78M M . 15.36 -5.08 -8.98
O21 78M N . 10.86 -14.36 -10.96
C20 78M N . 10.95 -13.01 -11.33
C18 78M N . 11.58 -12.22 -10.20
O19 78M N . 11.26 -12.80 -8.97
C17 78M N . 11.07 -10.78 -10.24
O2 78M N . 11.33 -10.22 -11.49
C1 78M N . 12.15 -9.08 -11.46
O1 78M N . 13.13 -9.03 -12.12
C2 78M N . 11.78 -7.90 -10.56
C3 78M N . 12.70 -6.73 -10.87
O21 78M O . 6.85 -15.57 -14.84
C20 78M O . 7.30 -14.36 -15.40
C18 78M O . 7.49 -13.32 -14.30
O19 78M O . 6.26 -13.10 -13.66
C17 78M O . 8.00 -12.01 -14.90
O2 78M O . 8.19 -11.07 -13.89
C1 78M O . 8.42 -9.77 -14.35
O1 78M O . 7.75 -8.87 -13.96
C2 78M O . 9.54 -9.50 -15.37
C3 78M O . 9.59 -8.02 -15.69
C4 78M O . 8.74 -7.71 -16.92
C5 78M O . 9.08 -6.32 -17.45
C6 78M O . 8.29 -6.05 -18.73
O21 78M P . 15.29 -19.93 -0.42
C20 78M P . 16.42 -19.44 -1.08
C18 78M P . 16.04 -18.19 -1.88
O19 78M P . 14.75 -17.78 -1.50
C17 78M P . 16.04 -18.52 -3.37
O2 78M P . 16.38 -17.37 -4.09
C1 78M P . 17.69 -16.94 -3.89
O1 78M P . 18.59 -17.72 -3.91
C2 78M P . 17.98 -15.45 -3.63
C3 78M P . 19.40 -15.12 -4.08
C4 78M P . 19.48 -13.63 -4.41
C5 78M P . 19.04 -12.81 -3.19
C6 78M P . 18.61 -11.42 -3.63
C7 78M P . 19.78 -10.45 -3.50
C8 78M P . 19.62 -9.15 -3.72
C9 78M P . 18.26 -8.58 -4.12
C10 78M P . 17.53 -8.06 -2.89
C11 78M P . 16.15 -8.70 -2.83
C12 78M P . 15.24 -7.92 -1.88
C13 78M P . 13.79 -8.21 -2.24
C15 78M P . 12.41 -9.08 -0.36
C14 78M P . 12.88 -7.83 -1.07
#